data_1GOQ
#
_entry.id   1GOQ
#
_cell.length_a   46.060
_cell.length_b   59.560
_cell.length_c   51.130
_cell.angle_alpha   90.00
_cell.angle_beta   110.80
_cell.angle_gamma   90.00
#
_symmetry.space_group_name_H-M   'P 1 21 1'
#
loop_
_entity.id
_entity.type
_entity.pdbx_description
1 polymer ENDO-1,4-BETA-XYLANASE
2 branched beta-D-xylopyranose-(1-4)-beta-D-xylopyranose
3 non-polymer beta-D-xylopyranose
4 water water
#
_entity_poly.entity_id   1
_entity_poly.type   'polypeptide(L)'
_entity_poly.pdbx_seq_one_letter_code
;(PCA)AAQSVDQLIKARGKVYFGVATDQNRLTTGKNAAIIQADFGQVTPENSMKWDATEPSQGNFNFAGADYLVNWAQQN
GKLIRGHTLVWHSQLPSWVSSITDKNTLTNVMKNHITTLMTRYKGKIRAWDVVNEAFNEDGSLRQTVFLNVIGEDYIPIA
FQTARAADPNAKLYINDYNLDSASYPKTQAIVNRVKQWRAAGVPIDGIGSQTHLSAGQGAGVLQALPLLASAGTPEVAIT
ELDVAGASPTDYVNVVNACLNVQSCVGITVWGVADPDSWRASTTPLLFDGNFNPKPAYNAIVQDLQQ
;
_entity_poly.pdbx_strand_id   A
#
# COMPACT_ATOMS: atom_id res chain seq x y z
N ALA A 2 -12.53 -9.12 -17.43
CA ALA A 2 -11.70 -9.72 -18.48
C ALA A 2 -11.64 -11.26 -18.42
N ALA A 3 -11.51 -11.91 -19.58
CA ALA A 3 -11.46 -13.38 -19.65
C ALA A 3 -10.30 -14.02 -18.87
N GLN A 4 -9.15 -13.35 -18.83
CA GLN A 4 -7.99 -13.86 -18.10
C GLN A 4 -7.70 -13.03 -16.86
N SER A 5 -7.57 -13.72 -15.72
CA SER A 5 -7.31 -13.09 -14.44
C SER A 5 -5.81 -12.94 -14.16
N VAL A 6 -5.34 -11.70 -14.05
CA VAL A 6 -3.93 -11.47 -13.78
C VAL A 6 -3.57 -12.02 -12.40
N ASP A 7 -4.56 -12.04 -11.49
CA ASP A 7 -4.32 -12.57 -10.14
C ASP A 7 -4.15 -14.09 -10.20
N GLN A 8 -4.97 -14.76 -11.00
CA GLN A 8 -4.87 -16.21 -11.12
C GLN A 8 -3.53 -16.57 -11.76
N LEU A 9 -3.16 -15.81 -12.78
CA LEU A 9 -1.91 -16.04 -13.48
C LEU A 9 -0.69 -15.76 -12.61
N ILE A 10 -0.73 -14.70 -11.81
CA ILE A 10 0.41 -14.40 -10.95
C ILE A 10 0.52 -15.47 -9.88
N LYS A 11 -0.63 -16.03 -9.51
CA LYS A 11 -0.66 -17.10 -8.51
C LYS A 11 0.03 -18.34 -9.11
N ALA A 12 -0.22 -18.58 -10.39
CA ALA A 12 0.39 -19.71 -11.08
C ALA A 12 1.91 -19.53 -11.21
N ARG A 13 2.38 -18.29 -11.04
CA ARG A 13 3.80 -18.01 -11.13
C ARG A 13 4.45 -18.16 -9.75
N GLY A 14 3.62 -18.38 -8.73
CA GLY A 14 4.15 -18.56 -7.39
C GLY A 14 4.00 -17.37 -6.47
N LYS A 15 3.32 -16.34 -6.93
CA LYS A 15 3.11 -15.14 -6.10
C LYS A 15 1.81 -15.24 -5.31
N VAL A 16 1.60 -14.31 -4.39
CA VAL A 16 0.41 -14.35 -3.56
C VAL A 16 -0.82 -13.68 -4.16
N TYR A 17 -0.65 -12.51 -4.77
CA TYR A 17 -1.82 -11.81 -5.31
C TYR A 17 -1.52 -10.67 -6.27
N PHE A 18 -2.57 -10.28 -6.96
CA PHE A 18 -2.55 -9.12 -7.85
C PHE A 18 -3.86 -8.47 -7.44
N GLY A 19 -3.78 -7.26 -6.90
CA GLY A 19 -4.98 -6.60 -6.44
C GLY A 19 -5.18 -5.20 -6.94
N VAL A 20 -6.14 -4.52 -6.33
CA VAL A 20 -6.48 -3.17 -6.72
C VAL A 20 -7.04 -2.41 -5.53
N ALA A 21 -6.94 -1.08 -5.60
CA ALA A 21 -7.48 -0.21 -4.58
C ALA A 21 -8.95 -0.01 -4.94
N THR A 22 -9.80 0.22 -3.93
CA THR A 22 -11.22 0.45 -4.18
C THR A 22 -11.88 0.89 -2.88
N ASP A 23 -13.20 1.05 -2.90
CA ASP A 23 -13.94 1.43 -1.71
C ASP A 23 -15.43 1.32 -2.05
N GLN A 24 -16.29 1.45 -1.06
CA GLN A 24 -17.74 1.33 -1.27
C GLN A 24 -18.29 2.13 -2.46
N ASN A 25 -17.86 3.38 -2.64
CA ASN A 25 -18.36 4.20 -3.73
C ASN A 25 -18.00 3.66 -5.11
N ARG A 26 -16.96 2.85 -5.16
CA ARG A 26 -16.50 2.26 -6.41
C ARG A 26 -17.20 0.92 -6.61
N LEU A 27 -17.32 0.18 -5.53
CA LEU A 27 -17.94 -1.14 -5.56
C LEU A 27 -19.44 -1.12 -5.88
N THR A 28 -20.09 0.01 -5.63
CA THR A 28 -21.51 0.14 -5.90
C THR A 28 -21.83 0.81 -7.24
N THR A 29 -20.80 1.08 -8.03
CA THR A 29 -21.02 1.73 -9.33
C THR A 29 -20.19 1.10 -10.43
N GLY A 30 -20.47 1.50 -11.68
CA GLY A 30 -19.73 0.97 -12.82
C GLY A 30 -19.66 -0.55 -12.85
N LYS A 31 -18.59 -1.08 -13.43
CA LYS A 31 -18.39 -2.53 -13.52
C LYS A 31 -17.27 -2.94 -12.56
N ASN A 32 -16.96 -2.06 -11.61
CA ASN A 32 -15.89 -2.31 -10.65
C ASN A 32 -15.96 -3.63 -9.90
N ALA A 33 -17.09 -3.88 -9.24
CA ALA A 33 -17.25 -5.12 -8.49
C ALA A 33 -17.00 -6.36 -9.36
N ALA A 34 -17.57 -6.37 -10.57
CA ALA A 34 -17.40 -7.51 -11.47
C ALA A 34 -15.94 -7.78 -11.84
N ILE A 35 -15.23 -6.70 -12.18
CA ILE A 35 -13.81 -6.80 -12.56
C ILE A 35 -12.92 -7.28 -11.40
N ILE A 36 -13.16 -6.76 -10.21
CA ILE A 36 -12.39 -7.16 -9.04
C ILE A 36 -12.69 -8.62 -8.72
N GLN A 37 -13.95 -9.01 -8.88
CA GLN A 37 -14.36 -10.38 -8.60
C GLN A 37 -13.69 -11.40 -9.52
N ALA A 38 -13.66 -11.13 -10.81
CA ALA A 38 -13.08 -12.06 -11.77
C ALA A 38 -11.58 -11.90 -12.03
N ASP A 39 -11.08 -10.67 -11.96
CA ASP A 39 -9.67 -10.42 -12.28
C ASP A 39 -8.65 -10.13 -11.18
N PHE A 40 -9.10 -9.87 -9.97
CA PHE A 40 -8.16 -9.58 -8.90
C PHE A 40 -8.43 -10.42 -7.65
N GLY A 41 -7.39 -10.59 -6.84
CA GLY A 41 -7.54 -11.38 -5.62
C GLY A 41 -7.24 -10.63 -4.34
N GLN A 42 -7.13 -9.31 -4.41
CA GLN A 42 -6.83 -8.51 -3.22
C GLN A 42 -7.31 -7.08 -3.41
N VAL A 43 -7.71 -6.44 -2.32
CA VAL A 43 -8.19 -5.07 -2.37
C VAL A 43 -7.58 -4.24 -1.25
N THR A 44 -7.45 -2.94 -1.50
CA THR A 44 -6.91 -2.02 -0.52
C THR A 44 -7.87 -0.83 -0.46
N PRO A 45 -8.37 -0.50 0.74
CA PRO A 45 -9.29 0.63 0.88
C PRO A 45 -8.56 1.90 0.44
N GLU A 46 -9.08 2.57 -0.57
CA GLU A 46 -8.45 3.78 -1.06
C GLU A 46 -8.48 4.90 -0.04
N ASN A 47 -9.57 5.01 0.72
CA ASN A 47 -9.72 6.09 1.69
C ASN A 47 -10.43 5.76 3.01
N SER A 48 -11.27 4.73 3.01
CA SER A 48 -12.06 4.38 4.19
C SER A 48 -11.35 4.00 5.49
N MET A 49 -10.06 3.74 5.44
CA MET A 49 -9.34 3.36 6.67
C MET A 49 -8.33 4.43 7.15
N LYS A 50 -8.27 5.54 6.43
CA LYS A 50 -7.36 6.61 6.82
C LYS A 50 -7.88 7.30 8.08
N TRP A 51 -7.01 8.05 8.74
CA TRP A 51 -7.35 8.75 9.99
C TRP A 51 -8.53 9.71 9.91
N ASP A 52 -8.62 10.50 8.84
CA ASP A 52 -9.71 11.45 8.75
C ASP A 52 -11.07 10.75 8.68
N ALA A 53 -11.09 9.57 8.06
CA ALA A 53 -12.33 8.81 7.92
C ALA A 53 -12.71 7.99 9.16
N THR A 54 -11.72 7.42 9.83
CA THR A 54 -11.97 6.57 10.99
C THR A 54 -12.02 7.18 12.39
N GLU A 55 -11.32 8.30 12.60
CA GLU A 55 -11.34 8.94 13.92
C GLU A 55 -11.33 10.46 13.76
N PRO A 56 -12.44 11.02 13.26
CA PRO A 56 -12.55 12.47 13.04
C PRO A 56 -12.50 13.26 14.34
N SER A 57 -12.80 12.59 15.43
CA SER A 57 -12.73 13.21 16.75
C SER A 57 -12.08 12.15 17.62
N GLN A 58 -11.27 12.56 18.58
CA GLN A 58 -10.60 11.59 19.42
C GLN A 58 -11.55 10.62 20.12
N GLY A 59 -11.28 9.34 19.98
CA GLY A 59 -12.10 8.33 20.62
C GLY A 59 -13.47 8.12 20.00
N ASN A 60 -13.80 8.89 18.98
CA ASN A 60 -15.10 8.75 18.31
C ASN A 60 -14.82 8.15 16.94
N PHE A 61 -14.78 6.82 16.89
CA PHE A 61 -14.49 6.13 15.63
C PHE A 61 -15.68 5.93 14.70
N ASN A 62 -15.37 5.83 13.42
CA ASN A 62 -16.35 5.60 12.38
C ASN A 62 -15.77 4.55 11.43
N PHE A 63 -16.36 3.36 11.43
CA PHE A 63 -15.90 2.28 10.57
C PHE A 63 -16.88 1.95 9.44
N ALA A 64 -17.86 2.80 9.21
CA ALA A 64 -18.85 2.55 8.16
C ALA A 64 -18.26 2.06 6.83
N GLY A 65 -17.51 2.94 6.17
CA GLY A 65 -16.89 2.59 4.90
C GLY A 65 -15.91 1.44 5.01
N ALA A 66 -15.13 1.43 6.08
CA ALA A 66 -14.14 0.38 6.27
C ALA A 66 -14.85 -0.99 6.43
N ASP A 67 -15.88 -1.01 7.27
CA ASP A 67 -16.65 -2.23 7.52
C ASP A 67 -17.21 -2.77 6.20
N TYR A 68 -17.71 -1.87 5.35
CA TYR A 68 -18.27 -2.25 4.07
C TYR A 68 -17.26 -3.03 3.21
N LEU A 69 -16.05 -2.47 3.11
CA LEU A 69 -14.99 -3.09 2.31
C LEU A 69 -14.53 -4.46 2.85
N VAL A 70 -14.27 -4.54 4.15
CA VAL A 70 -13.83 -5.80 4.74
C VAL A 70 -14.89 -6.90 4.48
N ASN A 71 -16.14 -6.57 4.79
CA ASN A 71 -17.24 -7.51 4.60
C ASN A 71 -17.36 -7.94 3.14
N TRP A 72 -17.30 -6.98 2.23
CA TRP A 72 -17.38 -7.29 0.82
C TRP A 72 -16.22 -8.20 0.39
N ALA A 73 -15.03 -7.90 0.91
CA ALA A 73 -13.83 -8.67 0.59
C ALA A 73 -13.90 -10.11 1.11
N GLN A 74 -14.35 -10.28 2.35
CA GLN A 74 -14.44 -11.61 2.93
C GLN A 74 -15.46 -12.45 2.16
N GLN A 75 -16.63 -11.86 1.89
CA GLN A 75 -17.69 -12.55 1.17
C GLN A 75 -17.22 -13.05 -0.19
N ASN A 76 -16.36 -12.25 -0.84
CA ASN A 76 -15.87 -12.60 -2.16
C ASN A 76 -14.50 -13.23 -2.18
N GLY A 77 -13.99 -13.56 -0.99
CA GLY A 77 -12.70 -14.20 -0.87
C GLY A 77 -11.49 -13.43 -1.38
N LYS A 78 -11.48 -12.12 -1.17
CA LYS A 78 -10.36 -11.29 -1.60
C LYS A 78 -9.48 -10.94 -0.42
N LEU A 79 -8.17 -10.93 -0.64
CA LEU A 79 -7.23 -10.58 0.42
C LEU A 79 -7.36 -9.08 0.66
N ILE A 80 -7.02 -8.64 1.88
CA ILE A 80 -7.11 -7.25 2.25
C ILE A 80 -5.79 -6.66 2.78
N ARG A 81 -5.46 -5.45 2.35
CA ARG A 81 -4.26 -4.76 2.83
C ARG A 81 -4.81 -3.53 3.52
N GLY A 82 -4.59 -3.41 4.83
CA GLY A 82 -5.08 -2.25 5.55
C GLY A 82 -4.28 -1.01 5.16
N HIS A 83 -4.93 0.13 5.01
CA HIS A 83 -4.22 1.34 4.59
C HIS A 83 -4.96 2.62 4.99
N THR A 84 -4.33 3.48 5.79
CA THR A 84 -2.99 3.32 6.34
C THR A 84 -3.06 3.93 7.75
N LEU A 85 -2.29 3.39 8.70
CA LEU A 85 -2.37 3.87 10.08
C LEU A 85 -1.76 5.23 10.41
N VAL A 86 -0.45 5.38 10.28
CA VAL A 86 0.21 6.65 10.61
C VAL A 86 0.63 7.35 9.32
N TRP A 87 0.09 8.55 9.12
CA TRP A 87 0.37 9.33 7.92
C TRP A 87 0.18 10.80 8.27
N HIS A 88 0.99 11.67 7.69
CA HIS A 88 0.86 13.09 7.98
C HIS A 88 -0.27 13.74 7.17
N SER A 89 -0.63 13.13 6.05
CA SER A 89 -1.71 13.63 5.19
C SER A 89 -3.07 13.13 5.68
N GLN A 90 -4.15 13.78 5.22
CA GLN A 90 -5.52 13.44 5.60
C GLN A 90 -5.59 13.14 7.11
N LEU A 91 -5.05 14.06 7.90
CA LEU A 91 -5.01 13.90 9.35
C LEU A 91 -5.89 14.94 10.04
N PRO A 92 -6.81 14.49 10.90
CA PRO A 92 -7.69 15.42 11.60
C PRO A 92 -6.89 16.53 12.28
N SER A 93 -7.49 17.71 12.38
CA SER A 93 -6.83 18.85 12.99
C SER A 93 -6.58 18.63 14.47
N TRP A 94 -7.39 17.80 15.11
CA TRP A 94 -7.21 17.54 16.54
C TRP A 94 -5.92 16.81 16.83
N VAL A 95 -5.43 16.06 15.84
CA VAL A 95 -4.19 15.32 16.03
C VAL A 95 -2.99 16.28 15.97
N SER A 96 -2.92 17.07 14.90
CA SER A 96 -1.82 18.01 14.72
C SER A 96 -1.80 19.16 15.74
N SER A 97 -2.87 19.31 16.52
CA SER A 97 -2.92 20.36 17.52
C SER A 97 -2.32 19.89 18.83
N ILE A 98 -1.86 18.64 18.86
CA ILE A 98 -1.27 18.04 20.04
C ILE A 98 0.23 18.32 20.07
N THR A 99 0.72 18.95 21.14
CA THR A 99 2.13 19.28 21.26
C THR A 99 2.82 18.56 22.43
N ASP A 100 2.07 17.72 23.14
CA ASP A 100 2.61 16.97 24.28
C ASP A 100 3.03 15.56 23.82
N LYS A 101 4.26 15.17 24.15
CA LYS A 101 4.80 13.88 23.76
C LYS A 101 3.95 12.69 24.24
N ASN A 102 3.66 12.68 25.54
CA ASN A 102 2.86 11.61 26.12
C ASN A 102 1.52 11.46 25.43
N THR A 103 0.80 12.57 25.32
CA THR A 103 -0.52 12.56 24.71
C THR A 103 -0.53 12.03 23.27
N LEU A 104 0.34 12.57 22.42
CA LEU A 104 0.39 12.15 21.03
C LEU A 104 0.76 10.67 20.90
N THR A 105 1.63 10.21 21.80
CA THR A 105 2.07 8.81 21.77
C THR A 105 0.88 7.89 22.04
N ASN A 106 0.17 8.16 23.12
CA ASN A 106 -0.97 7.34 23.49
C ASN A 106 -2.08 7.42 22.43
N VAL A 107 -2.28 8.61 21.90
CA VAL A 107 -3.29 8.82 20.87
C VAL A 107 -2.96 7.98 19.62
N MET A 108 -1.69 8.02 19.21
CA MET A 108 -1.27 7.28 18.03
C MET A 108 -1.42 5.77 18.27
N LYS A 109 -1.12 5.34 19.49
CA LYS A 109 -1.24 3.93 19.82
C LYS A 109 -2.70 3.52 19.83
N ASN A 110 -3.53 4.33 20.46
CA ASN A 110 -4.96 4.05 20.52
C ASN A 110 -5.53 3.92 19.11
N HIS A 111 -5.12 4.83 18.22
CA HIS A 111 -5.61 4.77 16.85
C HIS A 111 -5.22 3.45 16.18
N ILE A 112 -3.95 3.09 16.31
CA ILE A 112 -3.44 1.86 15.69
C ILE A 112 -4.15 0.63 16.27
N THR A 113 -4.17 0.55 17.60
CA THR A 113 -4.78 -0.59 18.28
C THR A 113 -6.26 -0.79 17.91
N THR A 114 -7.06 0.27 18.05
CA THR A 114 -8.48 0.19 17.75
C THR A 114 -8.78 -0.31 16.33
N LEU A 115 -8.11 0.26 15.34
CA LEU A 115 -8.34 -0.15 13.96
C LEU A 115 -7.95 -1.61 13.70
N MET A 116 -6.78 -1.99 14.18
CA MET A 116 -6.28 -3.34 13.97
C MET A 116 -7.01 -4.45 14.72
N THR A 117 -7.49 -4.15 15.93
CA THR A 117 -8.20 -5.17 16.69
C THR A 117 -9.60 -5.40 16.11
N ARG A 118 -10.23 -4.34 15.60
CA ARG A 118 -11.57 -4.50 15.03
C ARG A 118 -11.58 -5.55 13.90
N TYR A 119 -10.49 -5.62 13.15
CA TYR A 119 -10.41 -6.55 12.03
C TYR A 119 -9.38 -7.66 12.26
N LYS A 120 -9.02 -7.87 13.53
CA LYS A 120 -8.05 -8.88 13.91
C LYS A 120 -8.17 -10.20 13.16
N GLY A 121 -7.08 -10.60 12.49
CA GLY A 121 -7.04 -11.85 11.76
C GLY A 121 -7.63 -11.81 10.38
N LYS A 122 -8.25 -10.70 10.00
CA LYS A 122 -8.87 -10.58 8.67
C LYS A 122 -8.04 -9.78 7.68
N ILE A 123 -6.98 -9.15 8.16
CA ILE A 123 -6.12 -8.33 7.32
C ILE A 123 -4.78 -9.00 7.05
N ARG A 124 -4.42 -9.14 5.78
CA ARG A 124 -3.17 -9.77 5.41
C ARG A 124 -1.94 -8.95 5.80
N ALA A 125 -2.01 -7.65 5.50
CA ALA A 125 -0.92 -6.74 5.80
C ALA A 125 -1.46 -5.35 6.08
N TRP A 126 -0.69 -4.57 6.83
CA TRP A 126 -1.08 -3.21 7.15
C TRP A 126 0.04 -2.26 6.78
N ASP A 127 -0.29 -1.10 6.21
CA ASP A 127 0.72 -0.10 5.92
C ASP A 127 0.67 0.70 7.22
N VAL A 128 1.55 0.36 8.17
CA VAL A 128 1.58 1.02 9.47
C VAL A 128 1.97 2.49 9.41
N VAL A 129 3.09 2.74 8.74
CA VAL A 129 3.60 4.09 8.58
C VAL A 129 3.68 4.36 7.08
N ASN A 130 3.15 5.51 6.69
CA ASN A 130 3.14 5.89 5.28
C ASN A 130 3.91 7.20 5.03
N GLU A 131 4.78 7.19 4.02
CA GLU A 131 5.55 8.37 3.62
C GLU A 131 6.33 9.07 4.73
N ALA A 132 7.21 8.33 5.42
CA ALA A 132 7.97 8.92 6.52
C ALA A 132 9.32 9.52 6.13
N PHE A 133 9.71 9.35 4.88
CA PHE A 133 11.00 9.83 4.39
C PHE A 133 10.95 11.03 3.45
N ASN A 134 11.95 11.90 3.56
CA ASN A 134 12.07 13.06 2.68
C ASN A 134 12.80 12.49 1.46
N GLU A 135 12.83 13.22 0.36
CA GLU A 135 13.48 12.74 -0.85
C GLU A 135 14.98 12.49 -0.70
N ASP A 136 15.62 13.19 0.23
CA ASP A 136 17.06 13.03 0.44
C ASP A 136 17.39 11.90 1.40
N GLY A 137 16.37 11.14 1.82
CA GLY A 137 16.61 10.05 2.73
C GLY A 137 16.45 10.38 4.21
N SER A 138 16.28 11.64 4.54
CA SER A 138 16.10 12.03 5.93
C SER A 138 14.64 11.76 6.31
N LEU A 139 14.36 11.71 7.60
CA LEU A 139 13.00 11.44 8.05
C LEU A 139 12.16 12.70 7.89
N ARG A 140 10.99 12.55 7.28
CA ARG A 140 10.07 13.66 7.08
C ARG A 140 9.64 14.28 8.42
N GLN A 141 9.75 15.59 8.52
CA GLN A 141 9.39 16.30 9.76
C GLN A 141 7.89 16.56 9.88
N THR A 142 7.16 15.52 10.31
CA THR A 142 5.72 15.61 10.48
C THR A 142 5.44 15.84 11.96
N VAL A 143 4.17 15.93 12.30
CA VAL A 143 3.79 16.16 13.69
C VAL A 143 4.27 15.01 14.59
N PHE A 144 4.32 13.79 14.05
CA PHE A 144 4.76 12.65 14.85
C PHE A 144 6.25 12.74 15.18
N LEU A 145 7.05 13.01 14.16
CA LEU A 145 8.49 13.13 14.36
C LEU A 145 8.80 14.34 15.26
N ASN A 146 8.16 15.47 14.98
CA ASN A 146 8.38 16.70 15.74
C ASN A 146 8.05 16.58 17.21
N VAL A 147 6.94 15.92 17.52
CA VAL A 147 6.49 15.80 18.91
C VAL A 147 7.01 14.57 19.62
N ILE A 148 7.13 13.46 18.90
CA ILE A 148 7.58 12.22 19.51
C ILE A 148 9.07 11.93 19.26
N GLY A 149 9.57 12.31 18.08
CA GLY A 149 10.96 12.04 17.76
C GLY A 149 11.05 10.77 16.95
N GLU A 150 12.26 10.37 16.60
CA GLU A 150 12.52 9.17 15.80
C GLU A 150 11.79 7.92 16.27
N ASP A 151 11.65 7.80 17.59
CA ASP A 151 11.00 6.65 18.21
C ASP A 151 9.55 6.39 17.82
N TYR A 152 8.89 7.36 17.21
CA TYR A 152 7.49 7.15 16.83
C TYR A 152 7.33 5.98 15.87
N ILE A 153 8.31 5.78 14.99
CA ILE A 153 8.22 4.67 14.04
C ILE A 153 8.36 3.33 14.80
N PRO A 154 9.44 3.14 15.57
CA PRO A 154 9.53 1.85 16.29
C PRO A 154 8.29 1.59 17.16
N ILE A 155 7.76 2.65 17.77
CA ILE A 155 6.59 2.51 18.63
C ILE A 155 5.35 2.07 17.83
N ALA A 156 5.12 2.71 16.69
CA ALA A 156 3.98 2.38 15.87
C ALA A 156 4.00 0.90 15.50
N PHE A 157 5.15 0.43 15.02
CA PHE A 157 5.28 -0.96 14.62
C PHE A 157 5.13 -1.95 15.78
N GLN A 158 5.73 -1.60 16.92
CA GLN A 158 5.65 -2.46 18.09
C GLN A 158 4.19 -2.55 18.55
N THR A 159 3.48 -1.43 18.49
CA THR A 159 2.08 -1.39 18.90
C THR A 159 1.21 -2.20 17.93
N ALA A 160 1.52 -2.10 16.64
CA ALA A 160 0.75 -2.82 15.63
C ALA A 160 0.89 -4.32 15.77
N ARG A 161 2.11 -4.79 16.02
CA ARG A 161 2.36 -6.22 16.17
C ARG A 161 1.61 -6.76 17.37
N ALA A 162 1.50 -5.95 18.41
CA ALA A 162 0.79 -6.35 19.61
C ALA A 162 -0.70 -6.45 19.33
N ALA A 163 -1.22 -5.52 18.52
CA ALA A 163 -2.65 -5.52 18.21
C ALA A 163 -3.10 -6.73 17.38
N ASP A 164 -2.29 -7.15 16.42
CA ASP A 164 -2.66 -8.28 15.57
C ASP A 164 -1.44 -8.99 15.03
N PRO A 165 -0.86 -9.91 15.82
CA PRO A 165 0.33 -10.67 15.41
C PRO A 165 0.18 -11.44 14.08
N ASN A 166 -1.04 -11.50 13.55
CA ASN A 166 -1.31 -12.20 12.30
C ASN A 166 -0.98 -11.41 11.05
N ALA A 167 -1.00 -10.09 11.17
CA ALA A 167 -0.74 -9.23 10.02
C ALA A 167 0.72 -8.96 9.75
N LYS A 168 1.06 -8.75 8.48
CA LYS A 168 2.42 -8.42 8.09
C LYS A 168 2.45 -6.89 8.15
N LEU A 169 3.39 -6.34 8.91
CA LEU A 169 3.50 -4.90 9.08
C LEU A 169 4.43 -4.28 8.03
N TYR A 170 3.91 -3.28 7.33
CA TYR A 170 4.68 -2.61 6.28
C TYR A 170 4.94 -1.12 6.53
N ILE A 171 6.06 -0.65 5.98
CA ILE A 171 6.40 0.76 5.98
C ILE A 171 6.22 1.02 4.47
N ASN A 172 5.44 2.04 4.13
CA ASN A 172 5.14 2.32 2.73
C ASN A 172 5.66 3.70 2.28
N ASP A 173 6.16 3.77 1.05
CA ASP A 173 6.65 5.03 0.51
C ASP A 173 6.71 5.06 -1.01
N TYR A 174 6.81 6.26 -1.56
CA TYR A 174 6.88 6.44 -3.00
C TYR A 174 8.24 6.95 -3.42
N ASN A 175 8.49 6.95 -4.72
CA ASN A 175 9.76 7.38 -5.28
C ASN A 175 10.90 6.46 -4.87
N LEU A 176 10.59 5.17 -4.74
CA LEU A 176 11.59 4.17 -4.39
C LEU A 176 11.73 3.33 -5.66
N ASP A 177 11.68 4.01 -6.80
CA ASP A 177 11.73 3.35 -8.09
C ASP A 177 13.09 3.26 -8.82
N SER A 178 14.12 3.84 -8.23
CA SER A 178 15.46 3.79 -8.82
C SER A 178 16.44 3.34 -7.73
N ALA A 179 17.35 2.43 -8.07
CA ALA A 179 18.34 1.94 -7.12
C ALA A 179 19.37 3.00 -6.76
N SER A 180 19.50 4.00 -7.63
CA SER A 180 20.47 5.06 -7.42
C SER A 180 19.93 6.26 -6.68
N TYR A 181 18.61 6.32 -6.54
CA TYR A 181 17.94 7.41 -5.83
C TYR A 181 18.24 7.36 -4.31
N PRO A 182 18.58 8.50 -3.71
CA PRO A 182 18.89 8.59 -2.28
C PRO A 182 17.81 8.01 -1.36
N LYS A 183 16.54 8.28 -1.65
CA LYS A 183 15.42 7.80 -0.84
C LYS A 183 15.40 6.28 -0.78
N THR A 184 15.59 5.65 -1.93
CA THR A 184 15.58 4.20 -2.01
C THR A 184 16.64 3.60 -1.08
N GLN A 185 17.87 4.09 -1.19
CA GLN A 185 18.98 3.61 -0.38
C GLN A 185 18.76 3.89 1.10
N ALA A 186 18.26 5.07 1.41
CA ALA A 186 18.03 5.44 2.81
C ALA A 186 17.02 4.53 3.51
N ILE A 187 15.91 4.22 2.84
CA ILE A 187 14.91 3.37 3.48
C ILE A 187 15.47 1.97 3.74
N VAL A 188 16.32 1.50 2.84
CA VAL A 188 16.92 0.18 3.02
C VAL A 188 17.85 0.17 4.25
N ASN A 189 18.62 1.25 4.43
CA ASN A 189 19.53 1.34 5.56
C ASN A 189 18.77 1.50 6.86
N ARG A 190 17.74 2.34 6.85
CA ARG A 190 16.94 2.57 8.05
C ARG A 190 16.18 1.33 8.51
N VAL A 191 15.57 0.61 7.56
CA VAL A 191 14.83 -0.59 7.92
C VAL A 191 15.78 -1.65 8.48
N LYS A 192 16.96 -1.75 7.89
CA LYS A 192 17.95 -2.73 8.36
C LYS A 192 18.30 -2.43 9.82
N GLN A 193 18.55 -1.15 10.11
CA GLN A 193 18.90 -0.73 11.47
C GLN A 193 17.76 -1.01 12.46
N TRP A 194 16.53 -0.68 12.06
CA TRP A 194 15.37 -0.89 12.92
C TRP A 194 15.14 -2.36 13.24
N ARG A 195 15.14 -3.20 12.21
CA ARG A 195 14.94 -4.62 12.43
C ARG A 195 16.02 -5.21 13.33
N ALA A 196 17.26 -4.73 13.18
CA ALA A 196 18.36 -5.23 14.01
C ALA A 196 18.07 -4.86 15.47
N ALA A 197 17.28 -3.81 15.66
CA ALA A 197 16.91 -3.36 17.00
C ALA A 197 15.63 -4.02 17.52
N GLY A 198 15.15 -5.01 16.78
CA GLY A 198 13.95 -5.72 17.21
C GLY A 198 12.62 -5.13 16.76
N VAL A 199 12.65 -4.07 15.96
CA VAL A 199 11.42 -3.47 15.47
C VAL A 199 10.81 -4.43 14.43
N PRO A 200 9.51 -4.77 14.59
CA PRO A 200 8.86 -5.70 13.66
C PRO A 200 8.35 -5.12 12.35
N ILE A 201 9.25 -4.97 11.38
CA ILE A 201 8.87 -4.47 10.07
C ILE A 201 8.95 -5.68 9.15
N ASP A 202 7.79 -6.21 8.77
CA ASP A 202 7.72 -7.39 7.93
C ASP A 202 7.89 -7.08 6.45
N GLY A 203 7.62 -5.85 6.06
CA GLY A 203 7.77 -5.53 4.67
C GLY A 203 7.97 -4.07 4.31
N ILE A 204 8.49 -3.87 3.12
CA ILE A 204 8.68 -2.54 2.62
C ILE A 204 7.68 -2.44 1.46
N GLY A 205 6.86 -1.39 1.48
CA GLY A 205 5.90 -1.21 0.42
C GLY A 205 6.38 -0.11 -0.52
N SER A 206 6.40 -0.41 -1.81
CA SER A 206 6.83 0.55 -2.83
C SER A 206 5.61 1.02 -3.63
N GLN A 207 5.12 2.22 -3.34
CA GLN A 207 3.93 2.75 -4.04
C GLN A 207 4.02 2.58 -5.56
N THR A 208 5.15 3.00 -6.14
CA THR A 208 5.38 2.88 -7.56
C THR A 208 4.42 3.70 -8.44
N HIS A 209 4.36 5.00 -8.16
CA HIS A 209 3.54 5.91 -8.93
C HIS A 209 4.50 6.40 -10.00
N LEU A 210 4.49 5.74 -11.15
CA LEU A 210 5.41 6.06 -12.22
C LEU A 210 4.96 7.01 -13.33
N SER A 211 5.97 7.51 -14.04
CA SER A 211 5.77 8.37 -15.19
C SER A 211 6.27 7.49 -16.34
N ALA A 212 5.95 7.87 -17.58
CA ALA A 212 6.37 7.08 -18.73
C ALA A 212 7.86 6.76 -18.72
N GLY A 213 8.20 5.51 -19.00
CA GLY A 213 9.59 5.10 -19.06
C GLY A 213 10.28 4.75 -17.76
N GLN A 214 9.63 5.00 -16.63
CA GLN A 214 10.25 4.69 -15.35
C GLN A 214 10.17 3.22 -14.92
N GLY A 215 9.40 2.41 -15.66
CA GLY A 215 9.30 1.01 -15.29
C GLY A 215 10.64 0.28 -15.29
N ALA A 216 11.53 0.63 -16.24
CA ALA A 216 12.83 -0.01 -16.34
C ALA A 216 13.66 0.16 -15.06
N GLY A 217 13.48 1.28 -14.39
CA GLY A 217 14.22 1.52 -13.16
C GLY A 217 13.84 0.57 -12.04
N VAL A 218 12.59 0.13 -12.01
CA VAL A 218 12.13 -0.77 -10.96
C VAL A 218 12.85 -2.13 -11.00
N LEU A 219 13.31 -2.53 -12.18
CA LEU A 219 14.02 -3.80 -12.33
C LEU A 219 15.27 -3.86 -11.41
N GLN A 220 15.83 -2.71 -11.07
CA GLN A 220 17.00 -2.67 -10.20
C GLN A 220 16.62 -2.26 -8.79
N ALA A 221 15.65 -1.34 -8.68
CA ALA A 221 15.21 -0.83 -7.39
C ALA A 221 14.58 -1.86 -6.45
N LEU A 222 13.72 -2.73 -6.97
CA LEU A 222 13.07 -3.72 -6.11
C LEU A 222 14.10 -4.67 -5.44
N PRO A 223 15.03 -5.22 -6.22
CA PRO A 223 16.03 -6.12 -5.61
C PRO A 223 16.80 -5.39 -4.50
N LEU A 224 17.06 -4.10 -4.69
CA LEU A 224 17.79 -3.33 -3.69
C LEU A 224 16.91 -3.19 -2.45
N LEU A 225 15.63 -2.92 -2.66
CA LEU A 225 14.70 -2.78 -1.55
C LEU A 225 14.66 -4.10 -0.79
N ALA A 226 14.65 -5.20 -1.55
CA ALA A 226 14.59 -6.52 -0.94
C ALA A 226 15.83 -6.85 -0.11
N SER A 227 16.97 -6.23 -0.44
CA SER A 227 18.20 -6.50 0.30
C SER A 227 18.18 -6.00 1.74
N ALA A 228 17.11 -5.31 2.13
CA ALA A 228 17.00 -4.81 3.50
C ALA A 228 16.80 -5.99 4.44
N GLY A 229 16.41 -7.13 3.90
CA GLY A 229 16.21 -8.30 4.74
C GLY A 229 14.81 -8.52 5.29
N THR A 230 13.86 -7.69 4.88
CA THR A 230 12.50 -7.87 5.37
C THR A 230 11.89 -9.14 4.75
N PRO A 231 10.98 -9.78 5.48
CA PRO A 231 10.34 -11.01 4.99
C PRO A 231 9.64 -10.78 3.64
N GLU A 232 9.10 -9.58 3.44
CA GLU A 232 8.40 -9.26 2.20
C GLU A 232 8.62 -7.83 1.71
N VAL A 233 8.32 -7.62 0.44
CA VAL A 233 8.35 -6.31 -0.19
C VAL A 233 7.19 -6.39 -1.17
N ALA A 234 6.62 -5.24 -1.51
CA ALA A 234 5.49 -5.26 -2.43
C ALA A 234 5.29 -3.96 -3.19
N ILE A 235 4.63 -4.08 -4.34
CA ILE A 235 4.28 -2.94 -5.17
C ILE A 235 2.87 -2.66 -4.65
N THR A 236 2.72 -1.54 -3.96
CA THR A 236 1.45 -1.21 -3.32
C THR A 236 0.44 -0.24 -3.95
N GLU A 237 0.89 0.71 -4.77
CA GLU A 237 -0.06 1.66 -5.35
C GLU A 237 0.32 1.96 -6.79
N LEU A 238 0.58 0.90 -7.54
CA LEU A 238 1.00 1.03 -8.92
C LEU A 238 0.01 1.66 -9.90
N ASP A 239 0.53 2.59 -10.68
CA ASP A 239 -0.18 3.25 -11.76
C ASP A 239 0.92 3.91 -12.57
N VAL A 240 0.71 4.00 -13.89
CA VAL A 240 1.72 4.57 -14.76
C VAL A 240 1.14 5.57 -15.74
N ALA A 241 1.64 6.79 -15.71
CA ALA A 241 1.17 7.82 -16.63
C ALA A 241 1.35 7.29 -18.06
N GLY A 242 0.26 7.30 -18.83
CA GLY A 242 0.34 6.81 -20.19
C GLY A 242 -0.01 5.33 -20.28
N ALA A 243 0.10 4.63 -19.15
CA ALA A 243 -0.22 3.20 -19.09
C ALA A 243 0.44 2.37 -20.20
N SER A 244 1.71 2.62 -20.46
CA SER A 244 2.42 1.89 -21.49
C SER A 244 2.63 0.44 -21.07
N PRO A 245 2.41 -0.52 -22.00
CA PRO A 245 2.61 -1.92 -21.66
C PRO A 245 4.06 -2.19 -21.24
N THR A 246 5.00 -1.45 -21.84
CA THR A 246 6.41 -1.61 -21.52
C THR A 246 6.66 -1.37 -20.02
N ASP A 247 6.18 -0.24 -19.52
CA ASP A 247 6.36 0.08 -18.10
C ASP A 247 5.67 -0.95 -17.21
N TYR A 248 4.45 -1.32 -17.56
CA TYR A 248 3.70 -2.27 -16.76
C TYR A 248 4.35 -3.65 -16.72
N VAL A 249 4.81 -4.12 -17.86
CA VAL A 249 5.45 -5.43 -17.89
C VAL A 249 6.74 -5.39 -17.06
N ASN A 250 7.45 -4.27 -17.13
CA ASN A 250 8.70 -4.10 -16.39
C ASN A 250 8.50 -4.18 -14.87
N VAL A 251 7.43 -3.56 -14.37
CA VAL A 251 7.15 -3.59 -12.93
C VAL A 251 6.75 -5.01 -12.51
N VAL A 252 5.97 -5.68 -13.35
CA VAL A 252 5.55 -7.05 -13.03
C VAL A 252 6.79 -7.97 -13.02
N ASN A 253 7.63 -7.85 -14.04
CA ASN A 253 8.83 -8.66 -14.10
C ASN A 253 9.77 -8.42 -12.92
N ALA A 254 9.83 -7.18 -12.47
CA ALA A 254 10.68 -6.84 -11.34
C ALA A 254 10.25 -7.67 -10.13
N CYS A 255 8.93 -7.77 -9.93
CA CYS A 255 8.38 -8.51 -8.82
C CYS A 255 8.59 -10.02 -9.00
N LEU A 256 8.48 -10.49 -10.24
CA LEU A 256 8.68 -11.91 -10.52
C LEU A 256 10.15 -12.28 -10.26
N ASN A 257 11.03 -11.30 -10.44
CA ASN A 257 12.45 -11.53 -10.26
C ASN A 257 12.87 -11.52 -8.79
N VAL A 258 12.09 -10.86 -7.94
CA VAL A 258 12.46 -10.78 -6.51
C VAL A 258 11.67 -11.77 -5.67
N GLN A 259 12.34 -12.77 -5.09
CA GLN A 259 11.62 -13.78 -4.36
C GLN A 259 10.76 -13.24 -3.23
N SER A 260 11.22 -12.20 -2.57
CA SER A 260 10.41 -11.66 -1.47
C SER A 260 9.20 -10.80 -1.87
N CYS A 261 8.99 -10.62 -3.17
CA CYS A 261 7.86 -9.82 -3.64
C CYS A 261 6.62 -10.69 -3.65
N VAL A 262 5.69 -10.41 -2.74
CA VAL A 262 4.48 -11.22 -2.65
C VAL A 262 3.38 -10.91 -3.66
N GLY A 263 3.35 -9.69 -4.18
CA GLY A 263 2.34 -9.36 -5.15
C GLY A 263 2.33 -7.89 -5.51
N ILE A 264 1.38 -7.52 -6.35
CA ILE A 264 1.23 -6.16 -6.83
C ILE A 264 -0.20 -5.65 -6.64
N THR A 265 -0.32 -4.36 -6.32
CA THR A 265 -1.61 -3.73 -6.14
C THR A 265 -1.61 -2.52 -7.07
N VAL A 266 -2.59 -2.45 -7.97
CA VAL A 266 -2.71 -1.32 -8.89
C VAL A 266 -3.66 -0.33 -8.20
N TRP A 267 -3.34 0.95 -8.29
CA TRP A 267 -4.16 1.96 -7.60
C TRP A 267 -5.47 2.37 -8.28
N GLY A 268 -6.40 1.41 -8.37
CA GLY A 268 -7.69 1.69 -8.98
C GLY A 268 -8.00 0.76 -10.13
N VAL A 269 -9.21 0.83 -10.65
CA VAL A 269 -9.59 -0.05 -11.76
C VAL A 269 -9.66 0.70 -13.09
N ALA A 270 -10.59 1.64 -13.20
CA ALA A 270 -10.77 2.40 -14.45
C ALA A 270 -10.15 3.80 -14.40
N ASP A 271 -9.53 4.17 -15.53
CA ASP A 271 -8.85 5.45 -15.71
C ASP A 271 -9.55 6.70 -15.13
N PRO A 272 -10.85 6.89 -15.43
CA PRO A 272 -11.57 8.05 -14.92
C PRO A 272 -11.63 8.14 -13.40
N ASP A 273 -11.55 7.01 -12.73
CA ASP A 273 -11.61 7.00 -11.26
C ASP A 273 -10.24 7.06 -10.59
N SER A 274 -9.20 7.23 -11.40
CA SER A 274 -7.85 7.31 -10.87
C SER A 274 -7.56 8.69 -10.31
N TRP A 275 -6.77 8.73 -9.25
CA TRP A 275 -6.42 10.01 -8.64
C TRP A 275 -5.52 10.77 -9.61
N ARG A 276 -5.12 10.09 -10.69
CA ARG A 276 -4.29 10.68 -11.74
C ARG A 276 -4.98 10.44 -13.09
N ALA A 277 -6.31 10.49 -13.08
CA ALA A 277 -7.11 10.24 -14.29
C ALA A 277 -6.57 10.94 -15.53
N SER A 278 -6.19 12.20 -15.39
CA SER A 278 -5.68 12.98 -16.51
C SER A 278 -4.55 12.30 -17.29
N THR A 279 -3.90 11.31 -16.69
CA THR A 279 -2.81 10.61 -17.38
C THR A 279 -3.19 9.18 -17.77
N THR A 280 -4.48 8.86 -17.66
CA THR A 280 -5.00 7.53 -17.99
C THR A 280 -3.92 6.50 -17.65
N PRO A 281 -3.64 6.33 -16.35
CA PRO A 281 -2.62 5.41 -15.84
C PRO A 281 -3.04 4.01 -15.43
N LEU A 282 -4.31 3.65 -15.62
CA LEU A 282 -4.77 2.34 -15.18
C LEU A 282 -4.88 1.27 -16.26
N LEU A 283 -5.24 0.06 -15.84
CA LEU A 283 -5.35 -1.08 -16.74
C LEU A 283 -6.67 -1.22 -17.49
N PHE A 284 -7.67 -0.43 -17.10
CA PHE A 284 -8.98 -0.46 -17.76
C PHE A 284 -9.37 0.98 -18.13
N ASP A 285 -9.95 1.15 -19.31
CA ASP A 285 -10.36 2.48 -19.78
C ASP A 285 -11.73 2.88 -19.25
N GLY A 286 -12.16 4.09 -19.58
CA GLY A 286 -13.45 4.58 -19.13
C GLY A 286 -14.63 3.66 -19.43
N ASN A 287 -14.52 2.87 -20.49
CA ASN A 287 -15.59 1.94 -20.87
C ASN A 287 -15.49 0.65 -20.06
N PHE A 288 -14.53 0.60 -19.14
CA PHE A 288 -14.29 -0.59 -18.33
C PHE A 288 -13.77 -1.76 -19.17
N ASN A 289 -13.11 -1.44 -20.27
CA ASN A 289 -12.53 -2.46 -21.15
C ASN A 289 -11.05 -2.58 -20.79
N PRO A 290 -10.48 -3.79 -20.89
CA PRO A 290 -9.07 -3.96 -20.55
C PRO A 290 -8.21 -3.21 -21.58
N LYS A 291 -7.14 -2.57 -21.13
CA LYS A 291 -6.28 -1.85 -22.04
C LYS A 291 -5.13 -2.75 -22.48
N PRO A 292 -4.40 -2.36 -23.54
CA PRO A 292 -3.27 -3.18 -24.02
C PRO A 292 -2.30 -3.57 -22.90
N ALA A 293 -2.14 -2.70 -21.91
CA ALA A 293 -1.25 -2.97 -20.77
C ALA A 293 -1.75 -4.19 -20.00
N TYR A 294 -3.07 -4.33 -19.90
CA TYR A 294 -3.65 -5.47 -19.20
C TYR A 294 -3.31 -6.73 -19.98
N ASN A 295 -3.59 -6.71 -21.27
CA ASN A 295 -3.30 -7.87 -22.12
C ASN A 295 -1.81 -8.22 -22.14
N ALA A 296 -0.95 -7.21 -22.10
CA ALA A 296 0.49 -7.43 -22.11
C ALA A 296 0.96 -8.11 -20.83
N ILE A 297 0.35 -7.73 -19.70
CA ILE A 297 0.71 -8.34 -18.42
C ILE A 297 0.29 -9.81 -18.44
N VAL A 298 -0.93 -10.05 -18.92
CA VAL A 298 -1.47 -11.40 -19.01
C VAL A 298 -0.55 -12.29 -19.87
N GLN A 299 -0.18 -11.81 -21.04
CA GLN A 299 0.69 -12.57 -21.93
C GLN A 299 2.03 -12.82 -21.27
N ASP A 300 2.51 -11.83 -20.55
CA ASP A 300 3.79 -11.92 -19.86
C ASP A 300 3.74 -12.97 -18.75
N LEU A 301 2.62 -13.01 -18.03
CA LEU A 301 2.47 -13.96 -16.93
C LEU A 301 2.16 -15.38 -17.40
N GLN A 302 1.57 -15.52 -18.58
CA GLN A 302 1.30 -16.87 -19.09
C GLN A 302 2.59 -17.33 -19.77
N GLN A 303 2.90 -18.52 -19.67
#